data_3WBD
#
_entry.id   3WBD
#
_cell.length_a   161.174
_cell.length_b   161.174
_cell.length_c   45.884
_cell.angle_alpha   90.00
_cell.angle_beta   90.00
_cell.angle_gamma   120.00
#
_symmetry.space_group_name_H-M   'P 64'
#
loop_
_entity.id
_entity.type
_entity.pdbx_description
1 polymer 'single chain Fv fragment of mAb735'
2 branched 'N-acetyl-alpha-neuraminic acid-(2-8)-N-acetyl-alpha-neuraminic acid-(2-8)-N-acetyl-alpha-neuraminic acid-(2-8)-N-acetyl-alpha-neuraminic acid-(2-8)-N-acetyl-alpha-neuraminic acid-(2-8)-N-acetyl-alpha-neuraminic acid-(2-8)-N-acetyl-alpha-neuraminic acid'
3 non-polymer 'CITRATE ANION'
4 water water
#
_entity_poly.entity_id   1
_entity_poly.type   'polypeptide(L)'
_entity_poly.pdbx_seq_one_letter_code
;GSDVVMTQTPLSLPVSLGDQASISCRSSQSLVHSNGNTYLYWYLQKPGQSPKPLIYRVSNRFSGVPDRFSGSGSGTDFTL
KISRVEAEDLGVYFCFQGTHVPYTFGGGTRLEIKGGGGSGGGGSGGGGSQIQLQQSGPELVRPGASVKISCKASGYTFTD
YYIHWVKQRPGEGLEWIGWIYPGSGNTKYNEKFKGKATLTVDTSSSTAYMQLSSLTSEDSAVYFCARGGKFAMDYWGQGT
SVTVSS
;
_entity_poly.pdbx_strand_id   A,B
#
loop_
_chem_comp.id
_chem_comp.type
_chem_comp.name
_chem_comp.formula
FLC non-polymer 'CITRATE ANION' 'C6 H5 O7 -3'
SIA D-saccharide, alpha linking 'N-acetyl-alpha-neuraminic acid' 'C11 H19 N O9'
#
# COMPACT_ATOMS: atom_id res chain seq x y z
N SER A 2 -31.63 6.44 2.16
CA SER A 2 -30.93 5.93 0.95
C SER A 2 -29.63 5.22 1.34
N ASP A 3 -29.43 5.01 2.63
CA ASP A 3 -28.37 4.13 3.12
C ASP A 3 -28.72 2.71 2.68
N VAL A 4 -27.71 1.91 2.43
CA VAL A 4 -27.92 0.54 2.00
C VAL A 4 -28.35 -0.32 3.18
N VAL A 5 -29.43 -1.06 2.99
CA VAL A 5 -29.93 -1.99 4.00
C VAL A 5 -29.50 -3.41 3.64
N MET A 6 -28.87 -4.07 4.60
CA MET A 6 -28.41 -5.43 4.44
C MET A 6 -29.29 -6.37 5.25
N THR A 7 -29.98 -7.27 4.55
CA THR A 7 -30.94 -8.19 5.19
C THR A 7 -30.44 -9.63 5.17
N GLN A 8 -30.30 -10.23 6.34
CA GLN A 8 -29.84 -11.62 6.46
C GLN A 8 -30.95 -12.59 6.88
N THR A 9 -30.93 -13.78 6.27
CA THR A 9 -31.86 -14.86 6.64
C THR A 9 -31.14 -16.20 6.60
N PRO A 10 -31.44 -17.11 7.55
CA PRO A 10 -32.35 -16.95 8.68
C PRO A 10 -31.68 -16.18 9.82
N LEU A 11 -32.49 -15.77 10.80
CA LEU A 11 -31.98 -15.05 11.97
C LEU A 11 -31.22 -15.99 12.90
N SER A 12 -31.72 -17.22 12.98
CA SER A 12 -31.13 -18.27 13.81
C SER A 12 -31.09 -19.54 12.99
N LEU A 13 -29.96 -20.25 13.06
CA LEU A 13 -29.83 -21.51 12.34
C LEU A 13 -29.26 -22.59 13.27
N PRO A 14 -30.16 -23.33 13.97
CA PRO A 14 -29.72 -24.49 14.74
C PRO A 14 -29.28 -25.63 13.81
N VAL A 15 -28.10 -26.19 14.08
CA VAL A 15 -27.51 -27.25 13.24
C VAL A 15 -26.76 -28.27 14.12
N SER A 16 -26.58 -29.47 13.59
CA SER A 16 -25.76 -30.50 14.23
C SER A 16 -24.41 -30.57 13.54
N LEU A 17 -23.39 -31.06 14.26
CA LEU A 17 -22.04 -31.19 13.73
C LEU A 17 -22.00 -32.03 12.45
N GLY A 18 -21.17 -31.62 11.50
CA GLY A 18 -21.01 -32.35 10.24
C GLY A 18 -21.89 -31.85 9.10
N ASP A 19 -23.04 -31.27 9.46
CA ASP A 19 -24.03 -30.80 8.48
C ASP A 19 -23.54 -29.65 7.59
N GLN A 20 -24.40 -29.27 6.64
CA GLN A 20 -24.17 -28.11 5.77
C GLN A 20 -24.99 -26.92 6.29
N ALA A 21 -24.40 -25.74 6.24
CA ALA A 21 -25.08 -24.50 6.65
C ALA A 21 -24.98 -23.45 5.56
N SER A 22 -26.09 -22.78 5.31
CA SER A 22 -26.17 -21.78 4.25
C SER A 22 -26.86 -20.53 4.81
N ILE A 23 -26.26 -19.38 4.58
CA ILE A 23 -26.73 -18.09 5.12
C ILE A 23 -26.88 -17.09 3.98
N SER A 24 -27.99 -16.37 3.97
CA SER A 24 -28.33 -15.48 2.88
C SER A 24 -28.18 -14.02 3.30
N CYS A 25 -27.67 -13.19 2.39
CA CYS A 25 -27.54 -11.74 2.61
C CYS A 25 -28.03 -11.01 1.36
N ARG A 26 -28.98 -10.10 1.52
CA ARG A 26 -29.52 -9.31 0.41
C ARG A 26 -29.37 -7.83 0.68
N SER A 27 -28.92 -7.09 -0.32
CA SER A 27 -28.74 -5.65 -0.19
C SER A 27 -29.84 -4.92 -0.91
N SER A 28 -30.20 -3.76 -0.39
CA SER A 28 -31.24 -2.92 -0.96
C SER A 28 -30.77 -2.18 -2.22
N GLN A 29 -29.45 -2.21 -2.46
CA GLN A 29 -28.86 -1.62 -3.65
C GLN A 29 -27.76 -2.53 -4.17
N SER A 30 -27.46 -2.44 -5.46
CA SER A 30 -26.33 -3.19 -6.02
C SER A 30 -25.05 -2.83 -5.26
N LEU A 31 -24.25 -3.85 -4.97
CA LEU A 31 -22.98 -3.64 -4.27
C LEU A 31 -21.78 -3.61 -5.22
N VAL A 32 -22.04 -3.57 -6.53
CA VAL A 32 -20.96 -3.37 -7.49
C VAL A 32 -20.51 -1.92 -7.48
N HIS A 33 -19.23 -1.73 -7.17
CA HIS A 33 -18.62 -0.41 -7.15
C HIS A 33 -18.28 -0.01 -8.56
N SER A 34 -18.28 1.28 -8.84
CA SER A 34 -17.88 1.79 -10.16
C SER A 34 -16.51 1.28 -10.62
N ASN A 35 -15.63 0.96 -9.67
CA ASN A 35 -14.30 0.41 -10.01
C ASN A 35 -14.33 -1.07 -10.43
N GLY A 36 -15.50 -1.69 -10.32
CA GLY A 36 -15.68 -3.07 -10.76
C GLY A 36 -15.70 -4.13 -9.67
N ASN A 37 -15.27 -3.77 -8.46
CA ASN A 37 -15.29 -4.68 -7.33
C ASN A 37 -16.63 -4.70 -6.63
N THR A 38 -16.91 -5.79 -5.93
CA THR A 38 -18.12 -5.88 -5.09
C THR A 38 -17.65 -6.05 -3.66
N TYR A 39 -17.81 -4.98 -2.88
CA TYR A 39 -17.24 -4.95 -1.54
C TYR A 39 -18.18 -5.55 -0.51
N LEU A 40 -18.42 -6.85 -0.67
CA LEU A 40 -19.24 -7.63 0.24
C LEU A 40 -18.33 -8.54 1.04
N TYR A 41 -18.49 -8.50 2.37
CA TYR A 41 -17.63 -9.22 3.30
C TYR A 41 -18.44 -10.04 4.31
N TRP A 42 -17.82 -11.07 4.86
CA TRP A 42 -18.42 -11.88 5.94
C TRP A 42 -17.49 -11.94 7.12
N TYR A 43 -18.06 -11.79 8.33
CA TYR A 43 -17.34 -11.90 9.60
C TYR A 43 -18.09 -12.84 10.52
N LEU A 44 -17.35 -13.43 11.45
CA LEU A 44 -17.91 -14.27 12.50
C LEU A 44 -17.55 -13.68 13.86
N GLN A 45 -18.55 -13.53 14.73
CA GLN A 45 -18.29 -13.08 16.10
C GLN A 45 -18.68 -14.15 17.12
N LYS A 46 -17.69 -14.67 17.82
CA LYS A 46 -17.89 -15.67 18.87
C LYS A 46 -18.32 -14.98 20.16
N PRO A 47 -19.19 -15.62 20.95
CA PRO A 47 -19.92 -15.00 22.07
C PRO A 47 -19.11 -14.02 22.93
N GLY A 48 -17.83 -14.29 23.15
CA GLY A 48 -17.04 -13.49 24.07
C GLY A 48 -15.92 -12.63 23.49
N GLN A 49 -15.86 -12.48 22.17
CA GLN A 49 -14.82 -11.61 21.60
C GLN A 49 -15.22 -10.81 20.37
N SER A 50 -14.18 -10.32 19.70
CA SER A 50 -14.29 -9.44 18.57
C SER A 50 -14.63 -10.24 17.34
N PRO A 51 -15.25 -9.60 16.33
CA PRO A 51 -15.45 -10.31 15.09
C PRO A 51 -14.13 -10.75 14.46
N LYS A 52 -14.18 -11.80 13.65
CA LYS A 52 -13.04 -12.33 12.91
C LYS A 52 -13.42 -12.29 11.43
N PRO A 53 -12.47 -11.93 10.54
CA PRO A 53 -12.81 -11.86 9.12
C PRO A 53 -12.87 -13.24 8.46
N LEU A 54 -13.89 -13.48 7.63
CA LEU A 54 -14.03 -14.77 6.94
C LEU A 54 -13.84 -14.65 5.44
N ILE A 55 -14.64 -13.80 4.82
CA ILE A 55 -14.66 -13.65 3.36
C ILE A 55 -14.49 -12.18 2.96
N TYR A 56 -13.63 -11.93 1.97
CA TYR A 56 -13.54 -10.62 1.33
C TYR A 56 -13.95 -10.63 -0.13
N ARG A 57 -14.62 -9.56 -0.54
CA ARG A 57 -15.04 -9.36 -1.93
C ARG A 57 -15.75 -10.60 -2.48
N VAL A 58 -16.83 -10.96 -1.78
CA VAL A 58 -17.81 -11.97 -2.19
C VAL A 58 -17.32 -13.41 -2.00
N SER A 59 -16.16 -13.76 -2.56
CA SER A 59 -15.81 -15.18 -2.68
C SER A 59 -14.42 -15.56 -2.18
N ASN A 60 -13.64 -14.58 -1.69
CA ASN A 60 -12.27 -14.85 -1.24
C ASN A 60 -12.17 -15.09 0.26
N ARG A 61 -11.53 -16.20 0.62
CA ARG A 61 -11.30 -16.54 2.02
C ARG A 61 -10.08 -15.81 2.58
N PHE A 62 -10.22 -15.25 3.78
CA PHE A 62 -9.09 -14.67 4.50
C PHE A 62 -8.10 -15.78 4.88
N SER A 63 -6.85 -15.40 5.11
CA SER A 63 -5.83 -16.40 5.43
C SER A 63 -6.21 -17.18 6.69
N GLY A 64 -5.97 -18.49 6.66
CA GLY A 64 -6.33 -19.36 7.78
C GLY A 64 -7.77 -19.85 7.79
N VAL A 65 -8.62 -19.26 6.95
CA VAL A 65 -10.01 -19.68 6.87
C VAL A 65 -10.12 -20.91 5.94
N PRO A 66 -10.59 -22.06 6.47
CA PRO A 66 -10.59 -23.32 5.70
C PRO A 66 -11.52 -23.28 4.48
N ASP A 67 -11.14 -24.01 3.41
CA ASP A 67 -11.88 -23.97 2.14
C ASP A 67 -13.28 -24.57 2.19
N ARG A 68 -13.69 -25.02 3.37
CA ARG A 68 -15.07 -25.42 3.63
C ARG A 68 -16.02 -24.22 3.81
N PHE A 69 -15.43 -23.02 3.89
CA PHE A 69 -16.19 -21.78 3.82
C PHE A 69 -16.21 -21.30 2.38
N SER A 70 -17.40 -21.05 1.85
CA SER A 70 -17.49 -20.50 0.50
C SER A 70 -18.56 -19.41 0.42
N GLY A 71 -18.15 -18.26 -0.08
CA GLY A 71 -19.04 -17.16 -0.37
C GLY A 71 -19.27 -17.07 -1.86
N SER A 72 -20.49 -16.72 -2.24
CA SER A 72 -20.86 -16.58 -3.64
C SER A 72 -21.92 -15.49 -3.76
N GLY A 73 -22.33 -15.20 -4.99
CA GLY A 73 -23.37 -14.21 -5.25
C GLY A 73 -22.89 -13.09 -6.14
N SER A 74 -23.80 -12.14 -6.39
CA SER A 74 -23.54 -11.00 -7.23
C SER A 74 -24.68 -10.00 -7.10
N GLY A 75 -24.35 -8.73 -7.36
CA GLY A 75 -25.36 -7.69 -7.47
C GLY A 75 -25.94 -7.34 -6.12
N THR A 76 -27.08 -7.95 -5.79
CA THR A 76 -27.76 -7.70 -4.52
C THR A 76 -27.99 -8.96 -3.68
N ASP A 77 -27.58 -10.12 -4.19
CA ASP A 77 -27.88 -11.39 -3.52
C ASP A 77 -26.62 -12.19 -3.29
N PHE A 78 -26.40 -12.56 -2.03
CA PHE A 78 -25.14 -13.21 -1.60
C PHE A 78 -25.39 -14.34 -0.63
N THR A 79 -24.48 -15.32 -0.64
CA THR A 79 -24.65 -16.53 0.15
C THR A 79 -23.32 -16.93 0.76
N LEU A 80 -23.35 -17.29 2.04
CA LEU A 80 -22.24 -17.96 2.71
C LEU A 80 -22.62 -19.41 2.98
N LYS A 81 -21.82 -20.34 2.47
CA LYS A 81 -22.01 -21.77 2.73
C LYS A 81 -20.87 -22.31 3.59
N ILE A 82 -21.22 -23.02 4.66
CA ILE A 82 -20.26 -23.69 5.54
C ILE A 82 -20.55 -25.18 5.39
N SER A 83 -19.61 -25.92 4.82
CA SER A 83 -19.93 -27.28 4.35
C SER A 83 -19.83 -28.41 5.37
N ARG A 84 -18.80 -28.37 6.22
CA ARG A 84 -18.57 -29.43 7.21
C ARG A 84 -18.49 -28.83 8.60
N VAL A 85 -19.65 -28.41 9.13
CA VAL A 85 -19.71 -27.58 10.35
C VAL A 85 -19.23 -28.28 11.61
N GLU A 86 -18.38 -27.59 12.36
CA GLU A 86 -17.90 -28.13 13.62
C GLU A 86 -18.05 -27.14 14.76
N ALA A 87 -17.67 -27.59 15.95
CA ALA A 87 -17.80 -26.85 17.20
C ALA A 87 -17.40 -25.38 17.06
N GLU A 88 -16.22 -25.13 16.51
CA GLU A 88 -15.65 -23.78 16.46
C GLU A 88 -16.39 -22.80 15.52
N ASP A 89 -17.37 -23.30 14.77
CA ASP A 89 -18.14 -22.47 13.84
C ASP A 89 -19.32 -21.76 14.50
N LEU A 90 -19.63 -22.16 15.72
CA LEU A 90 -20.77 -21.59 16.45
C LEU A 90 -20.50 -20.11 16.76
N GLY A 91 -21.52 -19.28 16.53
CA GLY A 91 -21.40 -17.83 16.69
C GLY A 91 -22.32 -17.09 15.75
N VAL A 92 -22.18 -15.77 15.71
CA VAL A 92 -23.01 -14.92 14.87
C VAL A 92 -22.26 -14.53 13.60
N TYR A 93 -22.85 -14.83 12.45
CA TYR A 93 -22.29 -14.44 11.16
C TYR A 93 -22.90 -13.12 10.69
N PHE A 94 -22.04 -12.19 10.30
CA PHE A 94 -22.48 -10.89 9.79
C PHE A 94 -21.99 -10.71 8.37
N CYS A 95 -22.86 -10.30 7.47
CA CYS A 95 -22.41 -9.71 6.20
C CYS A 95 -22.21 -8.19 6.33
N PHE A 96 -21.47 -7.61 5.40
CA PHE A 96 -21.06 -6.21 5.49
C PHE A 96 -20.81 -5.70 4.08
N GLN A 97 -21.27 -4.49 3.81
CA GLN A 97 -20.99 -3.85 2.51
C GLN A 97 -20.17 -2.60 2.70
N GLY A 98 -19.09 -2.50 1.92
CA GLY A 98 -18.25 -1.31 1.90
C GLY A 98 -18.23 -0.58 0.57
N THR A 99 -19.23 -0.84 -0.26
CA THR A 99 -19.33 -0.22 -1.58
C THR A 99 -19.79 1.23 -1.48
N HIS A 100 -20.82 1.45 -0.65
CA HIS A 100 -21.45 2.75 -0.55
C HIS A 100 -21.31 3.27 0.86
N VAL A 101 -20.77 4.48 1.01
CA VAL A 101 -20.76 5.17 2.33
C VAL A 101 -22.20 5.64 2.62
N PRO A 102 -22.71 5.39 3.85
CA PRO A 102 -22.03 4.71 4.96
C PRO A 102 -22.04 3.19 4.79
N TYR A 103 -20.92 2.55 5.13
CA TYR A 103 -20.85 1.09 5.14
C TYR A 103 -21.84 0.55 6.16
N THR A 104 -22.46 -0.58 5.84
CA THR A 104 -23.54 -1.14 6.66
C THR A 104 -23.41 -2.65 6.82
N PHE A 105 -23.88 -3.14 7.97
CA PHE A 105 -23.84 -4.55 8.34
C PHE A 105 -25.22 -5.18 8.25
N GLY A 106 -25.24 -6.48 7.95
CA GLY A 106 -26.44 -7.28 8.17
C GLY A 106 -26.73 -7.45 9.66
N GLY A 107 -27.95 -7.85 9.99
CA GLY A 107 -28.35 -8.04 11.39
C GLY A 107 -27.74 -9.23 12.10
N GLY A 108 -27.11 -10.13 11.35
CA GLY A 108 -26.48 -11.30 11.94
C GLY A 108 -27.31 -12.57 11.88
N THR A 109 -26.63 -13.70 11.81
CA THR A 109 -27.25 -15.02 11.83
C THR A 109 -26.54 -15.83 12.92
N ARG A 110 -27.30 -16.31 13.90
CA ARG A 110 -26.74 -17.14 14.97
C ARG A 110 -26.70 -18.60 14.56
N LEU A 111 -25.49 -19.15 14.43
CA LEU A 111 -25.31 -20.57 14.18
C LEU A 111 -25.17 -21.27 15.54
N GLU A 112 -26.05 -22.22 15.81
CA GLU A 112 -26.00 -23.01 17.04
C GLU A 112 -26.49 -24.44 16.82
N GLY A 127 -6.17 -16.97 12.38
CA GLY A 127 -6.18 -16.27 11.11
C GLY A 127 -5.04 -15.28 10.95
N GLY A 128 -5.02 -14.25 11.80
CA GLY A 128 -3.96 -13.24 11.80
C GLY A 128 -3.59 -12.80 13.20
N SER A 129 -3.10 -13.75 14.00
CA SER A 129 -2.87 -13.53 15.43
C SER A 129 -1.57 -12.81 15.79
N GLN A 130 -0.81 -12.38 14.78
CA GLN A 130 0.34 -11.52 15.00
C GLN A 130 -0.10 -10.06 15.13
N ILE A 131 -1.24 -9.75 14.51
CA ILE A 131 -1.77 -8.40 14.50
C ILE A 131 -2.53 -8.14 15.80
N GLN A 132 -2.10 -7.13 16.54
CA GLN A 132 -2.73 -6.78 17.80
C GLN A 132 -3.23 -5.34 17.78
N LEU A 133 -4.48 -5.16 18.19
CA LEU A 133 -5.11 -3.86 18.29
C LEU A 133 -5.62 -3.70 19.71
N GLN A 134 -4.80 -3.09 20.58
CA GLN A 134 -5.06 -3.01 22.01
C GLN A 134 -5.80 -1.72 22.37
N GLN A 135 -7.06 -1.86 22.77
CA GLN A 135 -7.91 -0.73 23.09
C GLN A 135 -7.86 -0.36 24.58
N SER A 136 -8.17 0.89 24.88
CA SER A 136 -8.24 1.38 26.26
C SER A 136 -9.43 0.78 27.03
N GLY A 137 -9.41 0.92 28.37
CA GLY A 137 -10.40 0.28 29.23
C GLY A 137 -11.81 0.87 29.22
N PRO A 138 -12.77 0.18 29.85
CA PRO A 138 -14.18 0.58 29.96
C PRO A 138 -14.34 1.98 30.55
N GLU A 139 -15.32 2.71 30.03
CA GLU A 139 -15.64 4.04 30.50
C GLU A 139 -17.02 4.00 31.12
N LEU A 140 -17.19 4.72 32.23
CA LEU A 140 -18.48 4.85 32.87
C LEU A 140 -18.62 6.33 33.21
N VAL A 141 -19.56 7.00 32.53
CA VAL A 141 -19.67 8.46 32.56
C VAL A 141 -21.12 8.95 32.63
N ARG A 142 -21.30 10.22 32.98
CA ARG A 142 -22.63 10.84 33.03
C ARG A 142 -22.99 11.42 31.66
N PRO A 143 -24.31 11.55 31.36
CA PRO A 143 -24.67 12.19 30.11
C PRO A 143 -24.03 13.56 29.99
N GLY A 144 -23.60 13.92 28.78
CA GLY A 144 -22.96 15.20 28.53
C GLY A 144 -21.45 15.12 28.56
N ALA A 145 -20.92 14.00 29.06
CA ALA A 145 -19.49 13.80 29.12
C ALA A 145 -18.91 13.53 27.74
N SER A 146 -17.59 13.63 27.65
CA SER A 146 -16.83 13.17 26.47
C SER A 146 -15.84 12.12 26.91
N VAL A 147 -15.55 11.18 26.03
CA VAL A 147 -14.53 10.18 26.28
C VAL A 147 -13.63 10.10 25.07
N LYS A 148 -12.37 9.74 25.27
CA LYS A 148 -11.46 9.54 24.16
C LYS A 148 -10.89 8.16 24.32
N ILE A 149 -11.26 7.27 23.42
CA ILE A 149 -10.81 5.89 23.55
C ILE A 149 -9.67 5.64 22.57
N SER A 150 -8.71 4.81 22.95
CA SER A 150 -7.51 4.61 22.16
C SER A 150 -7.39 3.16 21.66
N CYS A 151 -6.54 2.99 20.66
CA CYS A 151 -6.34 1.71 20.00
C CYS A 151 -4.87 1.66 19.57
N LYS A 152 -4.06 0.90 20.29
CA LYS A 152 -2.61 0.78 20.03
C LYS A 152 -2.37 -0.39 19.09
N ALA A 153 -1.83 -0.09 17.91
CA ALA A 153 -1.59 -1.11 16.89
C ALA A 153 -0.16 -1.63 16.97
N SER A 154 -0.02 -2.95 16.83
CA SER A 154 1.29 -3.60 16.77
C SER A 154 1.21 -4.87 15.92
N GLY A 155 2.36 -5.37 15.48
CA GLY A 155 2.43 -6.60 14.69
C GLY A 155 2.30 -6.35 13.20
N TYR A 156 2.23 -5.07 12.82
CA TYR A 156 2.15 -4.68 11.42
C TYR A 156 2.46 -3.19 11.30
N THR A 157 2.57 -2.71 10.07
CA THR A 157 2.90 -1.31 9.82
C THR A 157 1.61 -0.48 9.83
N PHE A 158 1.43 0.30 10.90
CA PHE A 158 0.24 1.11 11.16
C PHE A 158 -0.21 1.91 9.94
N THR A 159 0.74 2.55 9.25
CA THR A 159 0.42 3.41 8.09
C THR A 159 0.20 2.69 6.75
N ASP A 160 0.25 1.36 6.76
CA ASP A 160 -0.08 0.57 5.58
C ASP A 160 -1.59 0.29 5.45
N TYR A 161 -2.36 0.66 6.46
CA TYR A 161 -3.78 0.27 6.50
C TYR A 161 -4.65 1.38 7.05
N TYR A 162 -5.95 1.28 6.76
CA TYR A 162 -6.97 2.11 7.40
C TYR A 162 -7.23 1.62 8.82
N ILE A 163 -7.84 2.47 9.62
CA ILE A 163 -8.45 2.10 10.89
C ILE A 163 -9.94 2.44 10.78
N HIS A 164 -10.79 1.48 11.09
CA HIS A 164 -12.25 1.68 11.12
C HIS A 164 -12.71 1.66 12.54
N TRP A 165 -13.82 2.35 12.82
CA TRP A 165 -14.46 2.21 14.12
C TRP A 165 -15.90 1.77 13.99
N VAL A 166 -16.32 0.91 14.89
CA VAL A 166 -17.63 0.24 14.79
C VAL A 166 -18.31 0.27 16.16
N LYS A 167 -19.60 0.57 16.18
CA LYS A 167 -20.41 0.52 17.42
C LYS A 167 -21.24 -0.76 17.49
N GLN A 168 -21.29 -1.38 18.66
CA GLN A 168 -22.16 -2.53 18.87
C GLN A 168 -22.95 -2.38 20.16
N ARG A 169 -24.27 -2.26 20.00
CA ARG A 169 -25.17 -2.22 21.14
C ARG A 169 -25.66 -3.63 21.39
N PRO A 170 -26.00 -3.97 22.65
CA PRO A 170 -26.48 -5.33 22.94
C PRO A 170 -27.71 -5.67 22.10
N GLY A 171 -27.68 -6.86 21.49
CA GLY A 171 -28.77 -7.34 20.63
C GLY A 171 -29.23 -6.40 19.52
N GLU A 172 -28.37 -5.47 19.12
CA GLU A 172 -28.71 -4.48 18.09
C GLU A 172 -27.74 -4.44 16.92
N GLY A 173 -26.77 -5.35 16.93
CA GLY A 173 -25.85 -5.50 15.82
C GLY A 173 -24.83 -4.39 15.70
N LEU A 174 -24.31 -4.22 14.48
CA LEU A 174 -23.12 -3.43 14.28
C LEU A 174 -23.39 -2.21 13.40
N GLU A 175 -22.74 -1.10 13.74
CA GLU A 175 -22.84 0.13 12.94
C GLU A 175 -21.46 0.67 12.65
N TRP A 176 -21.19 0.95 11.39
CA TRP A 176 -19.90 1.54 11.03
C TRP A 176 -19.89 3.03 11.29
N ILE A 177 -18.89 3.50 12.04
CA ILE A 177 -18.78 4.91 12.44
C ILE A 177 -18.01 5.74 11.41
N GLY A 178 -16.87 5.22 11.01
CA GLY A 178 -16.01 5.96 10.10
C GLY A 178 -14.66 5.30 9.96
N TRP A 179 -13.86 5.83 9.04
CA TRP A 179 -12.46 5.47 8.97
C TRP A 179 -11.51 6.63 8.99
N ILE A 180 -10.28 6.34 9.39
CA ILE A 180 -9.17 7.27 9.26
C ILE A 180 -8.06 6.50 8.55
N TYR A 181 -7.31 7.22 7.73
CA TYR A 181 -6.14 6.66 7.08
C TYR A 181 -4.94 7.24 7.81
N PRO A 182 -4.27 6.45 8.67
CA PRO A 182 -3.20 6.98 9.52
C PRO A 182 -2.07 7.70 8.76
N GLY A 183 -1.74 7.22 7.56
CA GLY A 183 -0.66 7.80 6.76
C GLY A 183 -0.87 9.27 6.44
N SER A 184 -2.13 9.67 6.29
CA SER A 184 -2.49 11.02 5.84
C SER A 184 -3.35 11.81 6.83
N GLY A 185 -3.97 11.11 7.78
CA GLY A 185 -4.96 11.72 8.65
C GLY A 185 -6.35 11.90 8.03
N ASN A 186 -6.50 11.54 6.76
CA ASN A 186 -7.77 11.67 6.05
C ASN A 186 -8.86 10.82 6.71
N THR A 187 -10.07 11.38 6.77
CA THR A 187 -11.18 10.70 7.45
C THR A 187 -12.40 10.58 6.56
N LYS A 188 -13.27 9.64 6.89
CA LYS A 188 -14.58 9.53 6.24
C LYS A 188 -15.55 9.00 7.28
N TYR A 189 -16.68 9.70 7.43
CA TYR A 189 -17.65 9.37 8.45
C TYR A 189 -19.00 8.95 7.91
N ASN A 190 -19.64 8.05 8.65
CA ASN A 190 -21.08 7.84 8.59
C ASN A 190 -21.75 9.13 9.09
N GLU A 191 -22.64 9.70 8.26
CA GLU A 191 -23.48 10.86 8.59
C GLU A 191 -24.12 10.77 10.00
N LYS A 192 -24.46 9.56 10.41
CA LYS A 192 -25.05 9.33 11.74
C LYS A 192 -24.15 9.78 12.88
N PHE A 193 -22.84 9.63 12.67
CA PHE A 193 -21.84 9.89 13.70
C PHE A 193 -20.99 11.15 13.48
N LYS A 194 -20.96 11.66 12.26
CA LYS A 194 -20.13 12.82 11.95
C LYS A 194 -20.57 14.03 12.79
N GLY A 195 -19.65 14.54 13.60
CA GLY A 195 -19.96 15.61 14.55
C GLY A 195 -19.93 15.19 15.99
N LYS A 196 -20.13 13.91 16.26
CA LYS A 196 -20.13 13.43 17.65
C LYS A 196 -19.08 12.35 17.90
N ALA A 197 -18.47 11.86 16.83
CA ALA A 197 -17.31 10.98 16.92
C ALA A 197 -16.19 11.64 16.11
N THR A 198 -15.04 11.84 16.73
CA THR A 198 -13.90 12.44 16.05
C THR A 198 -12.74 11.45 16.04
N LEU A 199 -12.25 11.15 14.84
CA LEU A 199 -11.14 10.21 14.66
C LEU A 199 -9.82 10.93 14.48
N THR A 200 -8.80 10.50 15.23
CA THR A 200 -7.45 11.02 15.07
C THR A 200 -6.44 9.88 15.15
N VAL A 201 -5.20 10.17 14.77
CA VAL A 201 -4.10 9.23 14.98
C VAL A 201 -2.85 9.92 15.54
N ASP A 202 -2.04 9.11 16.23
CA ASP A 202 -0.66 9.48 16.53
C ASP A 202 0.23 8.41 15.89
N THR A 203 0.80 8.74 14.74
CA THR A 203 1.59 7.75 14.00
C THR A 203 2.89 7.38 14.70
N SER A 204 3.44 8.32 15.47
CA SER A 204 4.67 8.09 16.23
C SER A 204 4.52 6.97 17.26
N SER A 205 3.32 6.81 17.82
CA SER A 205 3.03 5.74 18.78
C SER A 205 2.11 4.64 18.21
N SER A 206 1.81 4.74 16.91
CA SER A 206 0.92 3.79 16.23
C SER A 206 -0.41 3.64 16.97
N THR A 207 -0.99 4.77 17.37
CA THR A 207 -2.23 4.76 18.12
C THR A 207 -3.32 5.52 17.38
N ALA A 208 -4.51 4.93 17.31
CA ALA A 208 -5.70 5.61 16.82
C ALA A 208 -6.61 6.00 17.99
N TYR A 209 -7.29 7.14 17.86
CA TYR A 209 -8.21 7.61 18.89
C TYR A 209 -9.57 7.94 18.32
N MET A 210 -10.59 7.75 19.14
CA MET A 210 -11.93 8.21 18.80
C MET A 210 -12.44 8.99 19.99
N GLN A 211 -12.74 10.27 19.76
CA GLN A 211 -13.39 11.05 20.80
C GLN A 211 -14.91 11.02 20.61
N LEU A 212 -15.62 10.60 21.65
CA LEU A 212 -17.08 10.63 21.64
C LEU A 212 -17.55 11.75 22.55
N SER A 213 -18.41 12.62 22.03
CA SER A 213 -18.80 13.85 22.71
C SER A 213 -20.30 13.97 22.93
N SER A 214 -20.67 14.80 23.92
CA SER A 214 -22.08 15.03 24.28
C SER A 214 -22.80 13.70 24.44
N LEU A 215 -22.23 12.83 25.27
CA LEU A 215 -22.77 11.48 25.40
C LEU A 215 -24.19 11.41 25.93
N THR A 216 -25.00 10.58 25.29
CA THR A 216 -26.35 10.26 25.74
C THR A 216 -26.43 8.77 26.07
N SER A 217 -27.53 8.35 26.68
CA SER A 217 -27.69 6.95 27.05
C SER A 217 -27.73 6.03 25.82
N GLU A 218 -28.15 6.58 24.68
CA GLU A 218 -28.15 5.85 23.40
C GLU A 218 -26.73 5.56 22.90
N ASP A 219 -25.73 6.25 23.45
CA ASP A 219 -24.34 6.07 23.07
C ASP A 219 -23.63 4.97 23.86
N SER A 220 -24.33 4.43 24.87
CA SER A 220 -23.83 3.28 25.61
C SER A 220 -23.73 2.09 24.66
N ALA A 221 -22.51 1.56 24.54
CA ALA A 221 -22.24 0.48 23.58
C ALA A 221 -20.81 0.03 23.74
N VAL A 222 -20.45 -1.04 23.04
CA VAL A 222 -19.06 -1.43 22.89
C VAL A 222 -18.56 -0.82 21.57
N TYR A 223 -17.40 -0.18 21.61
CA TYR A 223 -16.82 0.41 20.41
C TYR A 223 -15.55 -0.34 20.03
N PHE A 224 -15.51 -0.83 18.79
CA PHE A 224 -14.34 -1.55 18.28
C PHE A 224 -13.53 -0.65 17.39
N CYS A 225 -12.20 -0.76 17.47
CA CYS A 225 -11.34 -0.23 16.40
C CYS A 225 -10.95 -1.46 15.59
N ALA A 226 -10.78 -1.29 14.28
CA ALA A 226 -10.37 -2.42 13.47
C ALA A 226 -9.45 -1.96 12.37
N ARG A 227 -8.44 -2.76 12.06
CA ARG A 227 -7.63 -2.50 10.86
C ARG A 227 -8.46 -2.81 9.62
N GLY A 228 -8.10 -2.24 8.47
CA GLY A 228 -8.73 -2.66 7.23
C GLY A 228 -8.17 -1.98 6.01
N GLY A 229 -8.83 -2.22 4.88
CA GLY A 229 -8.59 -1.46 3.66
C GLY A 229 -9.59 -0.32 3.59
N LYS A 230 -9.64 0.36 2.45
CA LYS A 230 -10.52 1.53 2.33
C LYS A 230 -12.01 1.15 2.45
N PHE A 231 -12.33 -0.10 2.13
CA PHE A 231 -13.73 -0.50 2.01
C PHE A 231 -14.21 -1.46 3.09
N ALA A 232 -13.32 -1.94 3.95
CA ALA A 232 -13.72 -2.94 4.95
C ALA A 232 -12.65 -3.22 5.96
N MET A 233 -13.10 -3.69 7.13
CA MET A 233 -12.23 -4.16 8.20
C MET A 233 -11.64 -5.51 7.88
N ASP A 234 -10.44 -5.77 8.39
CA ASP A 234 -10.01 -7.16 8.51
C ASP A 234 -9.95 -7.61 9.96
N TYR A 235 -8.92 -7.20 10.69
CA TYR A 235 -8.75 -7.65 12.08
C TYR A 235 -9.22 -6.60 13.09
N TRP A 236 -9.79 -7.08 14.18
CA TRP A 236 -10.48 -6.21 15.14
C TRP A 236 -9.83 -6.17 16.48
N GLY A 237 -9.93 -5.02 17.14
CA GLY A 237 -9.56 -4.90 18.54
C GLY A 237 -10.58 -5.56 19.46
N GLN A 238 -10.29 -5.56 20.76
CA GLN A 238 -11.13 -6.26 21.74
C GLN A 238 -12.37 -5.47 22.17
N GLY A 239 -12.44 -4.20 21.77
CA GLY A 239 -13.60 -3.37 22.09
C GLY A 239 -13.37 -2.57 23.37
N THR A 240 -14.11 -1.48 23.49
CA THR A 240 -14.10 -0.63 24.71
C THR A 240 -15.57 -0.35 25.03
N SER A 241 -15.99 -0.75 26.23
CA SER A 241 -17.35 -0.50 26.67
C SER A 241 -17.46 0.94 27.15
N VAL A 242 -18.48 1.65 26.66
CA VAL A 242 -18.81 2.96 27.19
C VAL A 242 -20.22 2.85 27.77
N THR A 243 -20.39 3.21 29.05
CA THR A 243 -21.69 3.23 29.69
C THR A 243 -21.99 4.66 30.12
N VAL A 244 -23.13 5.18 29.66
CA VAL A 244 -23.54 6.54 29.96
C VAL A 244 -24.70 6.43 30.95
N SER A 245 -24.49 6.93 32.15
CA SER A 245 -25.50 6.75 33.20
C SER A 245 -25.54 7.89 34.20
N SER A 246 -26.76 8.27 34.55
CA SER A 246 -27.03 9.22 35.62
C SER A 246 -27.16 8.47 36.94
N SER B 2 25.11 -14.73 -8.78
CA SER B 2 25.66 -13.48 -9.40
C SER B 2 24.56 -12.57 -9.94
N ASP B 3 24.91 -11.29 -10.11
CA ASP B 3 23.96 -10.24 -10.46
C ASP B 3 23.51 -10.30 -11.92
N VAL B 4 22.25 -9.92 -12.14
CA VAL B 4 21.68 -9.86 -13.48
C VAL B 4 22.35 -8.75 -14.27
N VAL B 5 22.82 -9.08 -15.48
CA VAL B 5 23.44 -8.13 -16.37
C VAL B 5 22.44 -7.73 -17.46
N MET B 6 22.25 -6.41 -17.60
CA MET B 6 21.30 -5.85 -18.56
C MET B 6 22.07 -5.18 -19.70
N THR B 7 21.90 -5.70 -20.91
CA THR B 7 22.70 -5.28 -22.07
C THR B 7 21.83 -4.57 -23.12
N GLN B 8 22.17 -3.32 -23.41
CA GLN B 8 21.39 -2.53 -24.36
C GLN B 8 22.02 -2.40 -25.75
N THR B 9 21.18 -2.51 -26.77
CA THR B 9 21.61 -2.41 -28.15
C THR B 9 20.67 -1.45 -28.90
N PRO B 10 21.24 -0.48 -29.62
CA PRO B 10 22.67 -0.16 -29.68
C PRO B 10 23.09 0.74 -28.52
N LEU B 11 24.35 1.15 -28.49
CA LEU B 11 24.82 2.13 -27.51
C LEU B 11 24.39 3.52 -27.92
N SER B 12 24.43 3.79 -29.23
CA SER B 12 23.99 5.06 -29.81
C SER B 12 23.03 4.84 -30.97
N LEU B 13 22.04 5.72 -31.08
CA LEU B 13 21.07 5.67 -32.17
C LEU B 13 20.85 7.04 -32.80
N PRO B 14 21.59 7.33 -33.88
CA PRO B 14 21.33 8.53 -34.66
C PRO B 14 20.08 8.32 -35.52
N VAL B 15 19.12 9.22 -35.38
CA VAL B 15 17.85 9.09 -36.08
C VAL B 15 17.34 10.48 -36.49
N SER B 16 16.54 10.53 -37.54
CA SER B 16 15.99 11.79 -38.01
C SER B 16 14.67 12.11 -37.30
N LEU B 17 14.37 13.39 -37.20
CA LEU B 17 13.12 13.87 -36.62
C LEU B 17 11.94 13.37 -37.48
N GLY B 18 11.17 12.44 -36.92
CA GLY B 18 10.02 11.86 -37.64
C GLY B 18 10.11 10.36 -37.88
N ASP B 19 11.33 9.84 -37.87
CA ASP B 19 11.60 8.41 -38.12
C ASP B 19 11.17 7.51 -36.96
N GLN B 20 11.12 6.21 -37.22
CA GLN B 20 10.98 5.22 -36.16
C GLN B 20 12.33 4.98 -35.47
N ALA B 21 12.26 4.52 -34.22
CA ALA B 21 13.44 4.17 -33.45
C ALA B 21 13.13 2.94 -32.60
N SER B 22 14.09 2.03 -32.50
CA SER B 22 13.90 0.79 -31.77
C SER B 22 15.13 0.44 -30.92
N ILE B 23 14.91 0.33 -29.60
CA ILE B 23 15.98 0.02 -28.64
C ILE B 23 15.67 -1.32 -28.00
N SER B 24 16.68 -2.19 -27.94
CA SER B 24 16.51 -3.50 -27.33
C SER B 24 17.34 -3.65 -26.06
N CYS B 25 16.83 -4.48 -25.14
CA CYS B 25 17.49 -4.75 -23.87
C CYS B 25 17.52 -6.25 -23.62
N ARG B 26 18.73 -6.80 -23.52
CA ARG B 26 18.92 -8.21 -23.26
C ARG B 26 19.35 -8.43 -21.81
N SER B 27 18.62 -9.27 -21.09
CA SER B 27 18.97 -9.60 -19.71
C SER B 27 19.73 -10.92 -19.65
N SER B 28 20.67 -11.01 -18.71
CA SER B 28 21.53 -12.19 -18.55
C SER B 28 20.72 -13.40 -18.08
N GLN B 29 19.56 -13.14 -17.47
CA GLN B 29 18.66 -14.19 -17.03
C GLN B 29 17.21 -13.71 -17.02
N SER B 30 16.30 -14.66 -16.79
CA SER B 30 14.86 -14.45 -16.85
C SER B 30 14.34 -13.48 -15.78
N LEU B 31 13.31 -12.70 -16.12
CA LEU B 31 12.81 -11.63 -15.24
C LEU B 31 11.41 -11.85 -14.65
N VAL B 32 10.95 -13.10 -14.64
CA VAL B 32 9.67 -13.45 -14.01
C VAL B 32 9.86 -13.65 -12.50
N HIS B 33 9.03 -13.00 -11.70
CA HIS B 33 9.05 -13.14 -10.25
C HIS B 33 8.05 -14.19 -9.82
N SER B 34 8.28 -14.79 -8.64
CA SER B 34 7.41 -15.83 -8.11
C SER B 34 5.97 -15.38 -7.84
N ASN B 35 5.73 -14.07 -7.80
CA ASN B 35 4.38 -13.52 -7.64
C ASN B 35 3.68 -13.31 -8.99
N GLY B 36 4.38 -13.67 -10.07
CA GLY B 36 3.83 -13.57 -11.42
C GLY B 36 4.42 -12.43 -12.24
N ASN B 37 4.54 -11.26 -11.61
CA ASN B 37 4.89 -10.00 -12.29
C ASN B 37 6.30 -9.96 -12.85
N THR B 38 6.45 -9.27 -13.99
CA THR B 38 7.76 -9.15 -14.65
C THR B 38 8.28 -7.70 -14.58
N TYR B 39 9.28 -7.51 -13.72
CA TYR B 39 9.70 -6.16 -13.32
C TYR B 39 10.77 -5.56 -14.22
N LEU B 40 10.42 -5.36 -15.49
CA LEU B 40 11.29 -4.62 -16.40
C LEU B 40 10.71 -3.22 -16.65
N TYR B 41 11.61 -2.23 -16.61
CA TYR B 41 11.21 -0.83 -16.65
C TYR B 41 12.09 -0.05 -17.63
N TRP B 42 11.57 1.04 -18.18
CA TRP B 42 12.36 1.96 -19.01
C TRP B 42 12.29 3.34 -18.46
N TYR B 43 13.45 4.02 -18.43
CA TYR B 43 13.54 5.44 -18.04
C TYR B 43 14.23 6.23 -19.14
N LEU B 44 13.92 7.52 -19.23
CA LEU B 44 14.64 8.41 -20.13
C LEU B 44 15.33 9.50 -19.32
N GLN B 45 16.62 9.68 -19.55
CA GLN B 45 17.37 10.76 -18.92
C GLN B 45 17.81 11.75 -19.98
N LYS B 46 17.14 12.90 -20.01
CA LYS B 46 17.44 13.97 -20.97
C LYS B 46 18.72 14.72 -20.56
N PRO B 47 19.33 15.46 -21.50
CA PRO B 47 20.52 16.26 -21.18
C PRO B 47 20.37 17.14 -19.93
N GLY B 48 21.27 16.91 -18.96
CA GLY B 48 21.33 17.69 -17.72
C GLY B 48 20.19 17.49 -16.74
N GLN B 49 19.46 16.38 -16.89
CA GLN B 49 18.27 16.13 -16.08
C GLN B 49 18.31 14.81 -15.30
N SER B 50 17.38 14.69 -14.35
CA SER B 50 17.12 13.42 -13.66
C SER B 50 16.36 12.52 -14.60
N PRO B 51 16.49 11.19 -14.44
CA PRO B 51 15.69 10.28 -15.26
C PRO B 51 14.19 10.47 -15.03
N LYS B 52 13.41 10.08 -16.02
CA LYS B 52 11.95 10.20 -16.03
C LYS B 52 11.41 8.81 -16.33
N PRO B 53 10.34 8.39 -15.63
CA PRO B 53 9.84 7.05 -15.92
C PRO B 53 9.02 6.98 -17.22
N LEU B 54 9.23 5.91 -18.00
CA LEU B 54 8.51 5.74 -19.28
C LEU B 54 7.58 4.54 -19.28
N ILE B 55 8.16 3.37 -18.98
CA ILE B 55 7.48 2.07 -19.07
C ILE B 55 7.64 1.32 -17.74
N TYR B 56 6.54 0.76 -17.23
CA TYR B 56 6.61 -0.13 -16.07
C TYR B 56 6.08 -1.52 -16.38
N ARG B 57 6.73 -2.53 -15.79
CA ARG B 57 6.36 -3.92 -16.01
C ARG B 57 6.14 -4.24 -17.48
N VAL B 58 7.18 -3.98 -18.27
CA VAL B 58 7.34 -4.42 -19.67
C VAL B 58 6.62 -3.55 -20.72
N SER B 59 5.30 -3.40 -20.57
CA SER B 59 4.47 -2.87 -21.65
C SER B 59 3.59 -1.69 -21.27
N ASN B 60 3.59 -1.31 -20.00
CA ASN B 60 2.69 -0.25 -19.53
C ASN B 60 3.35 1.13 -19.54
N ARG B 61 2.68 2.12 -20.13
CA ARG B 61 3.20 3.49 -20.14
C ARG B 61 2.82 4.20 -18.84
N PHE B 62 3.81 4.84 -18.19
CA PHE B 62 3.49 5.76 -17.10
C PHE B 62 2.61 6.88 -17.66
N SER B 63 1.75 7.45 -16.83
CA SER B 63 0.82 8.47 -17.31
C SER B 63 1.58 9.67 -17.85
N GLY B 64 1.05 10.29 -18.89
CA GLY B 64 1.72 11.40 -19.55
C GLY B 64 2.63 10.96 -20.68
N VAL B 65 3.08 9.69 -20.64
CA VAL B 65 3.96 9.15 -21.67
C VAL B 65 3.17 8.88 -22.95
N PRO B 66 3.58 9.51 -24.08
CA PRO B 66 2.83 9.41 -25.35
C PRO B 66 2.80 7.98 -25.89
N ASP B 67 1.68 7.62 -26.53
CA ASP B 67 1.49 6.26 -27.08
C ASP B 67 2.48 5.96 -28.22
N ARG B 68 3.11 7.03 -28.71
CA ARG B 68 4.31 6.97 -29.55
C ARG B 68 5.33 5.97 -28.99
N PHE B 69 5.40 5.90 -27.65
CA PHE B 69 6.27 4.94 -26.95
C PHE B 69 5.51 3.65 -26.69
N SER B 70 6.12 2.52 -27.02
CA SER B 70 5.55 1.22 -26.67
C SER B 70 6.63 0.23 -26.32
N GLY B 71 6.45 -0.44 -25.18
CA GLY B 71 7.38 -1.45 -24.71
C GLY B 71 6.76 -2.82 -24.87
N SER B 72 7.60 -3.80 -25.14
CA SER B 72 7.17 -5.18 -25.32
C SER B 72 8.28 -6.14 -24.91
N GLY B 73 8.05 -7.43 -25.15
CA GLY B 73 9.05 -8.43 -24.87
C GLY B 73 8.64 -9.38 -23.76
N SER B 74 9.44 -10.41 -23.58
CA SER B 74 9.23 -11.42 -22.55
C SER B 74 10.50 -12.25 -22.39
N GLY B 75 10.67 -12.87 -21.23
CA GLY B 75 11.82 -13.70 -20.94
C GLY B 75 13.09 -12.91 -20.73
N THR B 76 13.95 -12.88 -21.75
CA THR B 76 15.24 -12.20 -21.66
C THR B 76 15.40 -11.12 -22.73
N ASP B 77 14.36 -10.93 -23.54
CA ASP B 77 14.41 -10.00 -24.66
C ASP B 77 13.27 -8.99 -24.60
N PHE B 78 13.65 -7.71 -24.53
CA PHE B 78 12.69 -6.61 -24.38
C PHE B 78 13.02 -5.48 -25.36
N THR B 79 12.01 -4.71 -25.73
CA THR B 79 12.19 -3.72 -26.79
C THR B 79 11.37 -2.47 -26.51
N LEU B 80 11.95 -1.31 -26.79
CA LEU B 80 11.24 -0.04 -26.72
C LEU B 80 11.21 0.59 -28.11
N LYS B 81 10.01 0.92 -28.58
CA LYS B 81 9.83 1.53 -29.90
C LYS B 81 9.23 2.93 -29.82
N ILE B 82 9.82 3.86 -30.58
CA ILE B 82 9.31 5.22 -30.69
C ILE B 82 8.86 5.44 -32.14
N SER B 83 7.54 5.43 -32.36
CA SER B 83 6.95 5.39 -33.71
C SER B 83 7.34 6.56 -34.62
N ARG B 84 7.46 7.75 -34.05
CA ARG B 84 7.90 8.94 -34.78
C ARG B 84 8.58 9.95 -33.85
N VAL B 85 9.92 9.89 -33.82
CA VAL B 85 10.75 10.62 -32.87
C VAL B 85 10.57 12.14 -32.95
N GLU B 86 10.36 12.76 -31.79
CA GLU B 86 10.31 14.22 -31.65
C GLU B 86 11.54 14.71 -30.89
N ALA B 87 11.69 16.03 -30.80
CA ALA B 87 12.84 16.66 -30.17
C ALA B 87 13.03 16.28 -28.69
N GLU B 88 11.93 16.23 -27.94
CA GLU B 88 12.02 15.95 -26.49
C GLU B 88 12.20 14.46 -26.18
N ASP B 89 12.23 13.63 -27.21
CA ASP B 89 12.55 12.20 -27.05
C ASP B 89 14.06 11.97 -26.95
N LEU B 90 14.85 12.98 -27.28
CA LEU B 90 16.30 12.86 -27.28
C LEU B 90 16.86 12.76 -25.87
N GLY B 91 17.84 11.87 -25.70
CA GLY B 91 18.45 11.60 -24.41
C GLY B 91 18.91 10.16 -24.30
N VAL B 92 19.26 9.75 -23.09
CA VAL B 92 19.73 8.40 -22.87
C VAL B 92 18.61 7.54 -22.28
N TYR B 93 18.33 6.43 -22.94
CA TYR B 93 17.32 5.49 -22.49
C TYR B 93 17.96 4.36 -21.71
N PHE B 94 17.40 4.07 -20.54
CA PHE B 94 17.89 3.00 -19.69
C PHE B 94 16.79 1.97 -19.47
N CYS B 95 17.12 0.70 -19.70
CA CYS B 95 16.29 -0.41 -19.20
C CYS B 95 16.75 -0.77 -17.78
N PHE B 96 15.85 -1.37 -17.00
CA PHE B 96 16.09 -1.63 -15.57
C PHE B 96 15.28 -2.84 -15.13
N GLN B 97 15.91 -3.72 -14.36
CA GLN B 97 15.21 -4.88 -13.80
C GLN B 97 15.15 -4.86 -12.28
N GLY B 98 13.97 -5.13 -11.73
CA GLY B 98 13.78 -5.15 -10.29
C GLY B 98 13.26 -6.48 -9.77
N THR B 99 13.41 -7.53 -10.57
CA THR B 99 12.99 -8.87 -10.16
C THR B 99 13.97 -9.47 -9.17
N HIS B 100 15.27 -9.40 -9.49
CA HIS B 100 16.32 -9.97 -8.64
C HIS B 100 17.19 -8.94 -7.99
N VAL B 101 17.34 -9.05 -6.67
CA VAL B 101 18.24 -8.21 -5.89
C VAL B 101 19.68 -8.67 -6.14
N PRO B 102 20.60 -7.72 -6.40
CA PRO B 102 20.38 -6.28 -6.49
C PRO B 102 19.80 -5.86 -7.84
N TYR B 103 18.85 -4.91 -7.81
CA TYR B 103 18.27 -4.41 -9.03
C TYR B 103 19.37 -3.77 -9.87
N THR B 104 19.27 -3.90 -11.19
CA THR B 104 20.33 -3.45 -12.10
C THR B 104 19.82 -2.71 -13.33
N PHE B 105 20.63 -1.79 -13.83
CA PHE B 105 20.31 -1.01 -15.02
C PHE B 105 21.09 -1.48 -16.23
N GLY B 106 20.50 -1.31 -17.41
CA GLY B 106 21.25 -1.41 -18.67
C GLY B 106 22.22 -0.25 -18.79
N GLY B 107 23.11 -0.33 -19.77
CA GLY B 107 24.16 0.69 -19.95
C GLY B 107 23.67 2.00 -20.53
N GLY B 108 22.47 1.98 -21.10
CA GLY B 108 21.89 3.17 -21.71
C GLY B 108 22.07 3.23 -23.21
N THR B 109 21.10 3.83 -23.89
CA THR B 109 21.15 4.04 -25.32
C THR B 109 20.92 5.51 -25.60
N ARG B 110 21.91 6.16 -26.19
CA ARG B 110 21.76 7.56 -26.56
C ARG B 110 20.94 7.69 -27.83
N LEU B 111 19.85 8.43 -27.75
CA LEU B 111 19.07 8.77 -28.92
C LEU B 111 19.40 10.22 -29.30
N GLU B 112 19.93 10.40 -30.51
CA GLU B 112 20.38 11.71 -30.98
C GLU B 112 19.97 11.97 -32.43
N ILE B 113 19.95 13.25 -32.81
CA ILE B 113 19.62 13.66 -34.18
C ILE B 113 20.64 13.10 -35.19
N LYS B 114 20.15 12.71 -36.36
CA LYS B 114 20.93 12.08 -37.43
C LYS B 114 22.34 12.66 -37.63
N GLN B 130 3.77 17.76 -9.97
CA GLN B 130 2.91 17.19 -8.95
C GLN B 130 3.74 16.63 -7.78
N ILE B 131 4.45 15.56 -8.07
CA ILE B 131 5.34 14.90 -7.11
C ILE B 131 6.70 15.62 -7.11
N GLN B 132 7.17 15.99 -5.91
CA GLN B 132 8.43 16.74 -5.78
C GLN B 132 9.39 16.04 -4.84
N LEU B 133 10.61 15.82 -5.31
CA LEU B 133 11.66 15.20 -4.49
C LEU B 133 12.86 16.12 -4.52
N GLN B 134 13.03 16.86 -3.43
CA GLN B 134 13.99 17.96 -3.34
C GLN B 134 15.23 17.56 -2.55
N GLN B 135 16.32 17.32 -3.26
CA GLN B 135 17.56 16.86 -2.63
C GLN B 135 18.42 17.99 -2.09
N SER B 136 19.27 17.65 -1.14
CA SER B 136 20.24 18.60 -0.61
C SER B 136 21.35 18.91 -1.62
N GLY B 137 22.13 19.95 -1.34
CA GLY B 137 23.14 20.46 -2.27
C GLY B 137 24.39 19.62 -2.47
N PRO B 138 25.15 19.90 -3.55
CA PRO B 138 26.41 19.18 -3.79
C PRO B 138 27.40 19.33 -2.64
N GLU B 139 28.25 18.32 -2.48
CA GLU B 139 29.20 18.26 -1.37
C GLU B 139 30.59 18.11 -1.95
N LEU B 140 31.53 18.84 -1.37
CA LEU B 140 32.95 18.66 -1.63
C LEU B 140 33.63 18.29 -0.32
N VAL B 141 34.18 17.06 -0.27
CA VAL B 141 34.77 16.54 0.96
C VAL B 141 36.11 15.82 0.74
N ARG B 142 36.88 15.69 1.82
CA ARG B 142 38.14 14.95 1.76
C ARG B 142 37.90 13.45 2.00
N PRO B 143 38.82 12.59 1.52
CA PRO B 143 38.71 11.17 1.87
C PRO B 143 38.55 10.92 3.36
N GLY B 144 37.65 10.00 3.70
CA GLY B 144 37.41 9.59 5.08
C GLY B 144 36.23 10.32 5.70
N ALA B 145 35.75 11.37 5.03
CA ALA B 145 34.61 12.12 5.54
C ALA B 145 33.31 11.35 5.34
N SER B 146 32.25 11.82 6.00
CA SER B 146 30.90 11.31 5.83
C SER B 146 30.02 12.44 5.35
N VAL B 147 29.04 12.11 4.50
CA VAL B 147 28.04 13.09 4.08
C VAL B 147 26.66 12.48 4.31
N LYS B 148 25.70 13.29 4.73
CA LYS B 148 24.33 12.82 4.84
C LYS B 148 23.48 13.60 3.84
N ILE B 149 23.03 12.93 2.80
CA ILE B 149 22.24 13.55 1.75
C ILE B 149 20.78 13.45 2.15
N SER B 150 20.01 14.53 1.96
CA SER B 150 18.58 14.46 2.28
C SER B 150 17.73 14.58 1.03
N CYS B 151 16.48 14.18 1.16
CA CYS B 151 15.55 14.26 0.05
C CYS B 151 14.18 14.49 0.66
N LYS B 152 13.65 15.70 0.49
CA LYS B 152 12.33 16.01 1.02
C LYS B 152 11.26 15.74 -0.03
N ALA B 153 10.30 14.90 0.34
CA ALA B 153 9.25 14.47 -0.55
C ALA B 153 7.97 15.26 -0.30
N SER B 154 7.30 15.66 -1.37
CA SER B 154 6.01 16.35 -1.24
C SER B 154 5.11 16.03 -2.43
N GLY B 155 3.81 16.30 -2.27
CA GLY B 155 2.86 16.07 -3.35
C GLY B 155 2.22 14.71 -3.36
N TYR B 156 2.50 13.91 -2.33
CA TYR B 156 1.95 12.56 -2.17
C TYR B 156 2.17 12.13 -0.73
N THR B 157 1.56 11.02 -0.34
CA THR B 157 1.71 10.51 1.03
C THR B 157 3.02 9.70 1.10
N PHE B 158 3.97 10.24 1.86
CA PHE B 158 5.36 9.72 1.95
C PHE B 158 5.35 8.24 2.29
N THR B 159 4.54 7.86 3.27
CA THR B 159 4.52 6.49 3.76
C THR B 159 3.71 5.53 2.90
N ASP B 160 3.25 5.99 1.73
CA ASP B 160 2.58 5.12 0.78
C ASP B 160 3.49 4.51 -0.28
N TYR B 161 4.75 4.96 -0.31
CA TYR B 161 5.68 4.49 -1.33
C TYR B 161 7.05 4.20 -0.75
N TYR B 162 7.86 3.44 -1.49
CA TYR B 162 9.27 3.22 -1.16
C TYR B 162 10.09 4.44 -1.53
N ILE B 163 11.32 4.52 -1.01
CA ILE B 163 12.33 5.46 -1.50
C ILE B 163 13.51 4.63 -1.94
N HIS B 164 14.00 4.87 -3.16
CA HIS B 164 15.20 4.20 -3.67
C HIS B 164 16.30 5.20 -3.80
N TRP B 165 17.54 4.72 -3.71
CA TRP B 165 18.71 5.56 -3.98
C TRP B 165 19.57 4.91 -5.02
N VAL B 166 20.18 5.76 -5.85
CA VAL B 166 20.85 5.32 -7.09
C VAL B 166 22.12 6.16 -7.26
N LYS B 167 23.22 5.48 -7.61
CA LYS B 167 24.48 6.15 -7.89
C LYS B 167 24.69 6.28 -9.40
N GLN B 168 25.17 7.42 -9.84
CA GLN B 168 25.52 7.60 -11.25
C GLN B 168 26.92 8.16 -11.37
N ARG B 169 27.81 7.36 -11.94
CA ARG B 169 29.21 7.72 -12.02
C ARG B 169 29.71 7.39 -13.43
N PRO B 170 30.32 8.37 -14.13
CA PRO B 170 30.86 8.13 -15.47
C PRO B 170 31.91 7.02 -15.44
N GLY B 171 31.84 6.13 -16.43
CA GLY B 171 32.70 4.94 -16.46
C GLY B 171 31.84 3.74 -16.10
N GLU B 172 31.21 3.82 -14.93
CA GLU B 172 30.10 2.94 -14.59
C GLU B 172 28.86 3.56 -15.26
N GLY B 173 27.69 3.19 -14.77
CA GLY B 173 26.46 3.82 -15.23
C GLY B 173 25.62 4.09 -14.00
N LEU B 174 24.36 3.66 -14.07
CA LEU B 174 23.47 3.75 -12.92
C LEU B 174 23.58 2.49 -12.08
N GLU B 175 23.67 2.65 -10.77
CA GLU B 175 23.74 1.54 -9.84
C GLU B 175 22.70 1.73 -8.74
N TRP B 176 21.85 0.74 -8.54
CA TRP B 176 20.87 0.79 -7.47
C TRP B 176 21.55 0.51 -6.14
N ILE B 177 21.42 1.44 -5.20
CA ILE B 177 22.06 1.32 -3.87
C ILE B 177 21.19 0.50 -2.90
N GLY B 178 19.90 0.79 -2.88
CA GLY B 178 19.02 0.14 -1.93
C GLY B 178 17.70 0.88 -1.85
N TRP B 179 16.77 0.30 -1.10
CA TRP B 179 15.53 0.99 -0.76
C TRP B 179 15.28 1.05 0.72
N ILE B 180 14.45 2.01 1.11
CA ILE B 180 13.89 2.09 2.45
C ILE B 180 12.38 2.26 2.29
N TYR B 181 11.64 1.66 3.21
CA TYR B 181 10.18 1.82 3.21
C TYR B 181 9.84 2.74 4.37
N PRO B 182 9.56 4.04 4.08
CA PRO B 182 9.38 5.05 5.13
C PRO B 182 8.40 4.64 6.24
N GLY B 183 7.34 3.94 5.87
CA GLY B 183 6.30 3.53 6.82
C GLY B 183 6.81 2.65 7.95
N SER B 184 7.84 1.86 7.65
CA SER B 184 8.36 0.91 8.63
C SER B 184 9.82 1.18 9.00
N GLY B 185 10.55 1.82 8.09
CA GLY B 185 11.99 2.03 8.27
C GLY B 185 12.79 0.81 7.82
N ASN B 186 12.09 -0.20 7.30
CA ASN B 186 12.71 -1.42 6.77
C ASN B 186 13.54 -1.12 5.52
N THR B 187 14.68 -1.78 5.38
CA THR B 187 15.61 -1.52 4.28
C THR B 187 16.03 -2.80 3.54
N LYS B 188 16.41 -2.63 2.28
CA LYS B 188 17.11 -3.65 1.51
C LYS B 188 18.24 -3.00 0.70
N TYR B 189 19.43 -3.58 0.80
CA TYR B 189 20.61 -3.01 0.17
C TYR B 189 21.19 -3.89 -0.94
N ASN B 190 21.79 -3.22 -1.92
CA ASN B 190 22.77 -3.82 -2.81
C ASN B 190 23.99 -4.15 -1.95
N GLU B 191 24.49 -5.37 -2.09
CA GLU B 191 25.64 -5.85 -1.32
C GLU B 191 26.88 -4.95 -1.50
N LYS B 192 27.02 -4.39 -2.70
CA LYS B 192 28.12 -3.48 -3.05
C LYS B 192 28.16 -2.28 -2.11
N PHE B 193 26.98 -1.86 -1.63
CA PHE B 193 26.85 -0.64 -0.83
C PHE B 193 26.53 -0.86 0.63
N LYS B 194 26.00 -2.03 0.98
CA LYS B 194 25.61 -2.29 2.36
C LYS B 194 26.77 -2.10 3.34
N GLY B 195 26.61 -1.17 4.27
CA GLY B 195 27.65 -0.85 5.24
C GLY B 195 28.38 0.46 4.98
N LYS B 196 28.31 0.97 3.75
CA LYS B 196 28.87 2.30 3.49
C LYS B 196 27.83 3.34 3.08
N ALA B 197 26.60 2.89 2.89
CA ALA B 197 25.45 3.76 2.64
C ALA B 197 24.40 3.33 3.63
N THR B 198 23.90 4.28 4.43
CA THR B 198 22.91 3.98 5.45
C THR B 198 21.68 4.80 5.15
N LEU B 199 20.53 4.13 5.01
CA LEU B 199 19.28 4.81 4.67
C LEU B 199 18.42 4.98 5.91
N THR B 200 17.93 6.20 6.15
CA THR B 200 17.00 6.47 7.25
C THR B 200 15.87 7.36 6.73
N VAL B 201 14.79 7.48 7.51
CA VAL B 201 13.73 8.44 7.17
C VAL B 201 13.32 9.25 8.40
N ASP B 202 12.74 10.43 8.15
CA ASP B 202 11.99 11.16 9.18
C ASP B 202 10.59 11.38 8.62
N THR B 203 9.64 10.53 9.04
CA THR B 203 8.29 10.57 8.46
C THR B 203 7.57 11.87 8.80
N SER B 204 7.91 12.47 9.94
CA SER B 204 7.29 13.73 10.39
C SER B 204 7.57 14.90 9.45
N SER B 205 8.72 14.87 8.76
CA SER B 205 9.08 15.91 7.80
C SER B 205 9.09 15.40 6.36
N SER B 206 8.57 14.18 6.15
CA SER B 206 8.59 13.51 4.85
C SER B 206 9.98 13.59 4.19
N THR B 207 11.01 13.29 4.96
CA THR B 207 12.38 13.38 4.44
C THR B 207 13.07 12.03 4.50
N ALA B 208 13.80 11.68 3.43
CA ALA B 208 14.64 10.48 3.40
C ALA B 208 16.10 10.93 3.45
N TYR B 209 16.96 10.13 4.08
CA TYR B 209 18.38 10.47 4.20
C TYR B 209 19.24 9.29 3.76
N MET B 210 20.37 9.59 3.16
CA MET B 210 21.38 8.58 2.91
C MET B 210 22.70 9.10 3.47
N GLN B 211 23.27 8.35 4.41
CA GLN B 211 24.57 8.69 4.94
C GLN B 211 25.62 7.85 4.21
N LEU B 212 26.58 8.53 3.59
CA LEU B 212 27.72 7.88 2.97
C LEU B 212 28.91 8.08 3.90
N SER B 213 29.61 7.01 4.24
CA SER B 213 30.67 7.08 5.24
C SER B 213 32.00 6.57 4.69
N SER B 214 33.10 6.98 5.32
CA SER B 214 34.45 6.57 4.92
C SER B 214 34.67 6.80 3.44
N LEU B 215 34.36 8.01 2.98
CA LEU B 215 34.33 8.28 1.54
C LEU B 215 35.71 8.14 0.89
N THR B 216 35.73 7.52 -0.28
CA THR B 216 36.93 7.42 -1.12
C THR B 216 36.66 8.14 -2.43
N SER B 217 37.68 8.34 -3.25
CA SER B 217 37.45 8.99 -4.55
C SER B 217 36.56 8.15 -5.48
N GLU B 218 36.49 6.85 -5.22
CA GLU B 218 35.63 5.92 -5.96
C GLU B 218 34.14 6.24 -5.76
N ASP B 219 33.85 6.91 -4.65
CA ASP B 219 32.47 7.24 -4.26
C ASP B 219 31.98 8.55 -4.87
N SER B 220 32.88 9.27 -5.54
CA SER B 220 32.50 10.47 -6.27
C SER B 220 31.50 10.11 -7.38
N ALA B 221 30.33 10.74 -7.30
CA ALA B 221 29.20 10.43 -8.18
C ALA B 221 28.04 11.38 -7.90
N VAL B 222 27.04 11.34 -8.77
CA VAL B 222 25.77 12.00 -8.48
C VAL B 222 24.88 10.93 -7.90
N TYR B 223 24.26 11.22 -6.76
CA TYR B 223 23.37 10.30 -6.08
C TYR B 223 21.93 10.78 -6.18
N PHE B 224 21.02 9.90 -6.59
CA PHE B 224 19.61 10.25 -6.72
C PHE B 224 18.78 9.59 -5.64
N CYS B 225 17.77 10.29 -5.11
CA CYS B 225 16.69 9.67 -4.34
C CYS B 225 15.53 9.52 -5.34
N ALA B 226 14.74 8.46 -5.22
CA ALA B 226 13.59 8.32 -6.10
C ALA B 226 12.45 7.65 -5.36
N ARG B 227 11.23 8.13 -5.58
CA ARG B 227 10.07 7.40 -5.10
C ARG B 227 9.93 6.12 -5.90
N GLY B 228 9.27 5.12 -5.33
CA GLY B 228 8.85 4.01 -6.15
C GLY B 228 8.05 2.99 -5.40
N GLY B 229 7.86 1.84 -6.03
CA GLY B 229 7.32 0.66 -5.37
C GLY B 229 8.44 -0.24 -4.90
N LYS B 230 8.09 -1.46 -4.48
CA LYS B 230 9.09 -2.36 -3.92
C LYS B 230 10.18 -2.74 -4.94
N PHE B 231 9.81 -2.72 -6.22
CA PHE B 231 10.65 -3.32 -7.26
C PHE B 231 11.27 -2.35 -8.25
N ALA B 232 10.88 -1.07 -8.17
CA ALA B 232 11.39 -0.05 -9.09
C ALA B 232 11.03 1.34 -8.67
N MET B 233 11.79 2.30 -9.18
CA MET B 233 11.50 3.69 -8.94
C MET B 233 10.52 4.24 -9.97
N ASP B 234 9.80 5.29 -9.59
CA ASP B 234 9.06 6.06 -10.57
C ASP B 234 9.64 7.45 -10.79
N TYR B 235 9.42 8.38 -9.86
CA TYR B 235 9.92 9.74 -10.01
C TYR B 235 11.18 9.99 -9.18
N TRP B 236 12.07 10.83 -9.71
CA TRP B 236 13.42 11.00 -9.20
C TRP B 236 13.67 12.41 -8.74
N GLY B 237 14.50 12.55 -7.71
CA GLY B 237 15.03 13.86 -7.27
C GLY B 237 16.01 14.40 -8.30
N GLN B 238 16.56 15.59 -8.04
CA GLN B 238 17.44 16.28 -9.00
C GLN B 238 18.89 15.80 -8.94
N GLY B 239 19.18 14.90 -8.00
CA GLY B 239 20.54 14.39 -7.81
C GLY B 239 21.35 15.27 -6.87
N THR B 240 22.29 14.66 -6.18
CA THR B 240 23.23 15.39 -5.33
C THR B 240 24.61 14.93 -5.74
N SER B 241 25.43 15.85 -6.25
CA SER B 241 26.79 15.49 -6.66
C SER B 241 27.70 15.49 -5.45
N VAL B 242 28.40 14.38 -5.24
CA VAL B 242 29.41 14.30 -4.20
C VAL B 242 30.77 14.14 -4.88
N THR B 243 31.72 14.99 -4.49
CA THR B 243 33.10 14.94 -4.99
C THR B 243 34.04 14.71 -3.82
N VAL B 244 34.84 13.66 -3.94
CA VAL B 244 35.81 13.32 -2.89
C VAL B 244 37.21 13.61 -3.43
N SER B 245 37.91 14.52 -2.76
CA SER B 245 39.17 15.05 -3.26
C SER B 245 40.11 15.50 -2.15
N SER B 246 41.39 15.15 -2.30
CA SER B 246 42.45 15.62 -1.41
C SER B 246 43.01 16.95 -1.90
C1 SIA C . 0.72 4.32 -8.00
C2 SIA C . 0.74 4.01 -9.49
C3 SIA C . 1.70 4.97 -10.22
C4 SIA C . 3.18 4.65 -9.93
C5 SIA C . 3.49 3.20 -10.24
C6 SIA C . 2.50 2.26 -9.51
C7 SIA C . 2.71 0.79 -9.88
C8 SIA C . 1.90 -0.15 -9.00
C9 SIA C . 0.41 -0.17 -9.34
C10 SIA C . 5.60 1.97 -10.54
C11 SIA C . 7.01 1.83 -10.06
N5 SIA C . 4.87 2.87 -9.89
O1A SIA C . 0.58 3.40 -7.17
O1B SIA C . 0.85 5.50 -7.62
O2 SIA C . -0.59 4.18 -10.02
O4 SIA C . 4.01 5.50 -10.73
O6 SIA C . 1.13 2.65 -9.76
O7 SIA C . 2.44 0.51 -11.26
O8 SIA C . 2.41 -1.46 -9.24
O9 SIA C . -0.20 0.58 -8.30
O10 SIA C . 5.16 1.30 -11.47
C1 SIA C . 4.19 -1.49 -7.75
C2 SIA C . 2.98 -2.29 -8.22
C3 SIA C . 3.36 -3.59 -8.89
C4 SIA C . 3.70 -4.67 -7.87
C5 SIA C . 2.68 -4.75 -6.72
C6 SIA C . 2.42 -3.36 -6.14
C7 SIA C . 1.36 -3.31 -5.02
C8 SIA C . 1.33 -1.96 -4.27
C9 SIA C . 0.92 -0.75 -5.11
C10 SIA C . 2.96 -6.96 -5.72
C11 SIA C . 3.84 -7.78 -4.81
N5 SIA C . 3.15 -5.64 -5.67
O1A SIA C . 4.13 -0.85 -6.67
O1B SIA C . 5.17 -1.47 -8.50
O4 SIA C . 3.82 -5.93 -8.55
O6 SIA C . 2.01 -2.48 -7.19
O7 SIA C . 0.06 -3.56 -5.55
O8 SIA C . 0.38 -2.14 -3.21
O9 SIA C . 0.84 0.42 -4.28
O10 SIA C . 2.12 -7.49 -6.43
C1 SIA C . -0.47 -2.63 -1.08
C2 SIA C . 0.79 -2.35 -1.86
C3 SIA C . 1.51 -1.08 -1.39
C4 SIA C . 2.34 -1.28 -0.13
C5 SIA C . 3.11 -2.60 -0.14
C6 SIA C . 2.21 -3.77 -0.55
C7 SIA C . 2.90 -5.15 -0.62
C8 SIA C . 1.91 -6.29 -0.94
C9 SIA C . 1.51 -6.39 -2.42
C10 SIA C . 4.98 -3.01 1.38
C11 SIA C . 5.44 -2.94 2.81
N5 SIA C . 3.68 -2.75 1.20
O1A SIA C . -1.13 -3.64 -1.42
O1B SIA C . -0.81 -1.88 -0.16
O4 SIA C . 3.24 -0.17 -0.01
O6 SIA C . 1.65 -3.49 -1.83
O7 SIA C . 4.01 -5.13 -1.54
O8 SIA C . 2.48 -7.55 -0.54
O9 SIA C . 0.64 -7.52 -2.60
O10 SIA C . 5.72 -3.31 0.45
C1 SIA C . 2.35 -7.35 1.72
C2 SIA C . 2.18 -8.37 0.60
C3 SIA C . 3.19 -9.52 0.66
C4 SIA C . 2.83 -10.55 1.73
C5 SIA C . 1.35 -10.98 1.65
C6 SIA C . 0.40 -9.77 1.53
C7 SIA C . -1.04 -10.19 1.22
C8 SIA C . -1.97 -8.98 1.21
C9 SIA C . -2.19 -8.31 -0.16
C10 SIA C . 0.40 -12.96 2.67
C11 SIA C . -0.61 -13.26 3.75
N5 SIA C . 1.04 -11.80 2.80
O1A SIA C . 3.50 -7.11 2.15
O1B SIA C . 1.34 -6.76 2.15
O4 SIA C . 3.65 -11.71 1.54
O6 SIA C . 0.84 -8.88 0.49
O7 SIA C . -1.09 -10.89 -0.03
O8 SIA C . -3.22 -9.34 1.83
O9 SIA C . -2.88 -9.17 -1.07
O10 SIA C . 0.61 -13.74 1.75
C1 SIA C . -3.30 -7.17 2.89
C2 SIA C . -4.11 -8.36 2.42
C3 SIA C . -4.79 -9.05 3.61
C4 SIA C . -5.88 -8.15 4.21
C5 SIA C . -6.89 -7.81 3.13
C6 SIA C . -6.19 -7.16 1.91
C7 SIA C . -7.14 -6.93 0.74
C8 SIA C . -6.50 -6.19 -0.43
C9 SIA C . -5.48 -7.00 -1.25
C10 SIA C . -9.22 -6.95 3.19
C11 SIA C . -10.16 -5.96 3.84
N5 SIA C . -7.97 -6.95 3.66
O1A SIA C . -3.33 -6.11 2.20
O1B SIA C . -2.62 -7.27 3.93
O4 SIA C . -6.49 -8.81 5.34
O6 SIA C . -5.09 -7.98 1.45
O7 SIA C . -7.68 -8.18 0.26
O8 SIA C . -7.57 -5.76 -1.28
O9 SIA C . -4.94 -6.13 -2.24
O10 SIA C . -9.59 -7.71 2.30
C1 SIA C . -8.36 -3.86 -0.09
C2 SIA C . -8.00 -4.43 -1.45
C3 SIA C . -9.19 -4.46 -2.41
C4 SIA C . -9.45 -3.10 -3.03
C5 SIA C . -8.17 -2.40 -3.52
C6 SIA C . -7.10 -2.42 -2.44
C7 SIA C . -5.78 -1.84 -2.95
C8 SIA C . -4.79 -1.53 -1.83
C9 SIA C . -4.48 -2.65 -0.83
C10 SIA C . -8.74 -0.63 -5.13
C11 SIA C . -9.09 0.82 -5.25
N5 SIA C . -8.44 -1.03 -3.89
O1A SIA C . -7.57 -3.09 0.49
O1B SIA C . -9.45 -4.20 0.43
O4 SIA C . -10.36 -3.28 -4.11
O6 SIA C . -6.86 -3.77 -2.05
O7 SIA C . -5.19 -2.71 -3.94
O8 SIA C . -3.56 -1.01 -2.40
O9 SIA C . -3.71 -3.70 -1.45
O10 SIA C . -8.72 -1.41 -6.10
C1 SIA C . -2.07 0.65 -2.92
C2 SIA C . -3.31 0.37 -2.10
C3 SIA C . -3.04 0.54 -0.60
C4 SIA C . -3.07 1.98 -0.11
C5 SIA C . -4.21 2.79 -0.74
C6 SIA C . -4.28 2.59 -2.27
C7 SIA C . -5.42 3.34 -2.97
C8 SIA C . -5.70 2.81 -4.38
C9 SIA C . -6.45 3.84 -5.23
C10 SIA C . -5.07 4.90 0.09
C11 SIA C . -4.73 6.30 0.55
N5 SIA C . -4.05 4.21 -0.43
O1A SIA C . -2.17 0.68 -4.17
O1B SIA C . -0.98 0.86 -2.36
O4 SIA C . -3.16 1.97 1.31
O6 SIA C . -4.40 1.19 -2.54
O7 SIA C . -6.63 3.22 -2.22
O8 SIA C . -4.47 2.49 -5.03
O9 SIA C . -5.49 4.49 -6.08
O10 SIA C . -6.19 4.43 0.18
CAC FLC D . -21.31 6.08 -2.93
CA FLC D . -21.74 4.95 -3.81
CB FLC D . -21.10 4.96 -5.20
CBC FLC D . -21.19 6.34 -5.84
CG FLC D . -19.65 4.41 -5.14
CGC FLC D . -19.11 4.00 -6.51
OA1 FLC D . -20.44 6.87 -3.38
OA2 FLC D . -21.86 6.17 -1.79
OB1 FLC D . -20.18 6.82 -6.39
OB2 FLC D . -22.27 6.98 -5.79
OG1 FLC D . -19.60 3.01 -7.07
OG2 FLC D . -18.20 4.68 -7.04
OHB FLC D . -21.89 4.05 -5.94
#